data_3T4T
#
_entry.id   3T4T
#
_cell.length_a   60.090
_cell.length_b   60.090
_cell.length_c   297.580
_cell.angle_alpha   90.00
_cell.angle_beta   90.00
_cell.angle_gamma   120.00
#
_symmetry.space_group_name_H-M   'P 32 2 1'
#
loop_
_entity.id
_entity.type
_entity.pdbx_description
1 polymer 'Histidine kinase 4'
2 non-polymer 1-phenyl-3-(1,2,3-thiadiazol-5-yl)urea
3 non-polymer 'MALONATE ION'
4 water water
#
_entity_poly.entity_id   1
_entity_poly.type   'polypeptide(L)'
_entity_poly.pdbx_seq_one_letter_code
;MDDANKIRREEVLVSMCDQRARMLQDQFSVSVNHVHALAILVSTFHYHKNPSAIDQETFAEYTARTAFERPLLSGVAYAE
KVVNFEREMFERQHNWVIKTMDRGEPSPVRDEYAPVIFSQDSVSYLESLDMMSGEEDRENILRARETGKAVLTSPFRLLE
THHLGVVLTFPVYKSSLPENPTVEERIAATAGYLGGAFDVESLVENLLGQLAGNQAIVVHVYDITNASDPLVMYGNQDEE
ADRSLSHESKLDFGDPFRKHKMICRYHQKA
;
_entity_poly.pdbx_strand_id   A,B
#
# COMPACT_ATOMS: atom_id res chain seq x y z
N MET A 1 -11.95 -12.68 -43.26
CA MET A 1 -13.40 -12.68 -43.59
C MET A 1 -14.00 -14.07 -43.40
N ASP A 2 -14.22 -14.44 -42.13
CA ASP A 2 -14.78 -15.76 -41.77
C ASP A 2 -15.59 -15.65 -40.46
N ASP A 3 -16.68 -16.41 -40.37
CA ASP A 3 -17.58 -16.34 -39.21
C ASP A 3 -17.06 -17.04 -37.95
N ALA A 4 -16.26 -18.09 -38.12
CA ALA A 4 -15.57 -18.71 -36.98
C ALA A 4 -14.44 -17.82 -36.48
N ASN A 5 -13.73 -17.19 -37.41
CA ASN A 5 -12.64 -16.29 -37.05
C ASN A 5 -13.14 -14.99 -36.40
N LYS A 6 -14.33 -14.51 -36.78
CA LYS A 6 -14.92 -13.35 -36.09
C LYS A 6 -15.31 -13.64 -34.64
N ILE A 7 -15.64 -14.89 -34.34
CA ILE A 7 -16.03 -15.27 -32.98
C ILE A 7 -14.81 -15.23 -32.07
N ARG A 8 -13.69 -15.70 -32.61
CA ARG A 8 -12.41 -15.60 -31.94
C ARG A 8 -11.87 -14.17 -31.88
N ARG A 9 -12.16 -13.36 -32.90
CA ARG A 9 -11.79 -11.95 -32.89
CA ARG A 9 -11.77 -11.95 -32.88
C ARG A 9 -12.39 -11.22 -31.69
N GLU A 10 -13.68 -11.46 -31.45
CA GLU A 10 -14.34 -10.84 -30.30
C GLU A 10 -13.82 -11.45 -29.01
N GLU A 11 -13.55 -12.74 -29.03
CA GLU A 11 -12.96 -13.40 -27.84
C GLU A 11 -11.67 -12.74 -27.41
N VAL A 12 -10.81 -12.40 -28.37
CA VAL A 12 -9.53 -11.80 -28.04
C VAL A 12 -9.79 -10.38 -27.52
N LEU A 13 -10.71 -9.65 -28.15
CA LEU A 13 -11.05 -8.29 -27.67
C LEU A 13 -11.57 -8.30 -26.23
N VAL A 14 -12.48 -9.23 -25.93
CA VAL A 14 -13.01 -9.39 -24.59
C VAL A 14 -11.87 -9.61 -23.58
N SER A 15 -11.02 -10.59 -23.86
CA SER A 15 -9.88 -10.90 -22.99
C SER A 15 -8.90 -9.72 -22.81
N MET A 16 -8.51 -9.08 -23.90
CA MET A 16 -7.61 -7.91 -23.83
C MET A 16 -8.21 -6.76 -23.03
N CYS A 17 -9.49 -6.48 -23.25
CA CYS A 17 -10.15 -5.34 -22.60
C CYS A 17 -10.33 -5.63 -21.12
N ASP A 18 -10.83 -6.82 -20.80
CA ASP A 18 -11.00 -7.24 -19.41
C ASP A 18 -9.68 -7.20 -18.65
N GLN A 19 -8.59 -7.68 -19.25
CA GLN A 19 -7.30 -7.64 -18.57
C GLN A 19 -6.85 -6.22 -18.24
N ARG A 20 -7.01 -5.32 -19.20
CA ARG A 20 -6.63 -3.92 -19.00
C ARG A 20 -7.48 -3.25 -17.93
N ALA A 21 -8.79 -3.53 -17.92
CA ALA A 21 -9.68 -3.01 -16.88
C ALA A 21 -9.24 -3.50 -15.51
N ARG A 22 -8.96 -4.80 -15.38
CA ARG A 22 -8.49 -5.37 -14.10
C ARG A 22 -7.20 -4.70 -13.64
N MET A 23 -6.26 -4.53 -14.56
CA MET A 23 -5.00 -3.85 -14.23
C MET A 23 -5.23 -2.43 -13.76
N LEU A 24 -6.11 -1.69 -14.41
CA LEU A 24 -6.38 -0.33 -14.03
C LEU A 24 -7.03 -0.24 -12.65
N GLN A 25 -8.05 -1.08 -12.44
CA GLN A 25 -8.78 -1.09 -11.18
C GLN A 25 -7.86 -1.46 -10.02
N ASP A 26 -7.01 -2.47 -10.24
CA ASP A 26 -6.12 -2.94 -9.20
CA ASP A 26 -6.10 -2.93 -9.18
C ASP A 26 -5.08 -1.88 -8.86
N GLN A 27 -4.49 -1.29 -9.90
CA GLN A 27 -3.53 -0.18 -9.76
CA GLN A 27 -3.51 -0.24 -9.63
C GLN A 27 -4.14 0.98 -8.96
N PHE A 28 -5.41 1.28 -9.26
CA PHE A 28 -6.03 2.40 -8.60
CA PHE A 28 -6.10 2.36 -8.61
C PHE A 28 -6.30 2.07 -7.13
N SER A 29 -6.76 0.86 -6.87
CA SER A 29 -7.00 0.36 -5.52
C SER A 29 -5.74 0.45 -4.64
N VAL A 30 -4.62 -0.02 -5.18
CA VAL A 30 -3.32 0.02 -4.48
C VAL A 30 -2.98 1.47 -4.15
N SER A 31 -3.13 2.35 -5.14
CA SER A 31 -2.92 3.79 -4.92
C SER A 31 -3.82 4.40 -3.84
N VAL A 32 -5.13 4.09 -3.87
CA VAL A 32 -6.06 4.60 -2.85
C VAL A 32 -5.63 4.13 -1.44
N ASN A 33 -5.24 2.87 -1.34
CA ASN A 33 -4.89 2.33 -0.04
C ASN A 33 -3.67 3.02 0.54
N HIS A 34 -2.73 3.35 -0.34
CA HIS A 34 -1.49 3.98 0.10
C HIS A 34 -1.70 5.46 0.41
N VAL A 35 -2.65 6.12 -0.28
CA VAL A 35 -3.07 7.44 0.13
C VAL A 35 -3.79 7.41 1.50
N HIS A 36 -4.61 6.42 1.78
CA HIS A 36 -5.20 6.28 3.08
C HIS A 36 -4.07 6.23 4.19
N ALA A 37 -3.05 5.42 3.90
CA ALA A 37 -1.94 5.36 4.86
C ALA A 37 -1.30 6.73 5.13
N LEU A 38 -1.20 7.58 4.11
CA LEU A 38 -0.62 8.90 4.29
C LEU A 38 -1.53 9.78 5.16
N ALA A 39 -2.83 9.62 5.01
CA ALA A 39 -3.75 10.36 5.89
C ALA A 39 -3.54 9.96 7.36
N ILE A 40 -3.34 8.68 7.59
CA ILE A 40 -3.08 8.17 8.93
C ILE A 40 -1.69 8.66 9.43
N LEU A 41 -0.74 8.68 8.51
CA LEU A 41 0.63 9.24 8.82
C LEU A 41 0.52 10.67 9.33
N VAL A 42 -0.20 11.51 8.58
CA VAL A 42 -0.33 12.92 8.99
C VAL A 42 -1.02 12.99 10.35
N SER A 43 -2.09 12.21 10.53
CA SER A 43 -2.79 12.21 11.81
C SER A 43 -1.88 11.82 12.98
N THR A 44 -1.10 10.75 12.76
CA THR A 44 -0.28 10.18 13.83
C THR A 44 0.94 11.02 14.09
N PHE A 45 1.61 11.44 13.02
CA PHE A 45 2.94 12.06 13.22
C PHE A 45 2.90 13.59 13.26
N HIS A 46 1.86 14.21 12.69
CA HIS A 46 1.74 15.67 12.71
C HIS A 46 0.83 16.13 13.82
N TYR A 47 -0.39 15.58 13.90
CA TYR A 47 -1.32 15.98 14.93
C TYR A 47 -1.15 15.30 16.28
N HIS A 48 -1.08 13.98 16.34
CA HIS A 48 -1.02 13.31 17.61
C HIS A 48 0.32 13.49 18.34
N LYS A 49 1.41 13.51 17.61
CA LYS A 49 2.74 13.61 18.22
C LYS A 49 2.98 15.05 18.69
N ASN A 50 3.53 15.18 19.89
CA ASN A 50 3.81 16.49 20.46
C ASN A 50 5.32 16.53 20.72
N PRO A 51 6.09 17.26 19.90
CA PRO A 51 5.73 18.12 18.79
C PRO A 51 5.56 17.32 17.50
N SER A 52 4.97 17.95 16.50
CA SER A 52 4.91 17.33 15.18
C SER A 52 6.26 16.89 14.64
N ALA A 53 6.24 15.71 14.04
CA ALA A 53 7.40 15.15 13.33
C ALA A 53 7.40 15.47 11.86
N ILE A 54 6.34 16.11 11.37
CA ILE A 54 6.24 16.37 9.96
C ILE A 54 6.36 17.84 9.63
N ASP A 55 7.43 18.17 8.92
CA ASP A 55 7.54 19.44 8.22
C ASP A 55 7.53 19.18 6.72
N GLN A 56 7.57 20.25 5.94
CA GLN A 56 7.49 20.09 4.50
C GLN A 56 8.62 19.17 4.04
N GLU A 57 9.82 19.36 4.58
CA GLU A 57 11.00 18.55 4.19
CA GLU A 57 10.95 18.56 4.11
C GLU A 57 10.73 17.07 4.39
N THR A 58 10.21 16.73 5.55
CA THR A 58 9.93 15.36 5.91
C THR A 58 8.83 14.74 5.03
N PHE A 59 7.77 15.50 4.79
CA PHE A 59 6.69 15.00 3.94
C PHE A 59 7.20 14.77 2.52
N ALA A 60 7.95 15.71 2.01
CA ALA A 60 8.52 15.57 0.67
C ALA A 60 9.40 14.31 0.57
N GLU A 61 10.27 14.11 1.56
CA GLU A 61 11.16 12.96 1.52
C GLU A 61 10.39 11.67 1.58
N TYR A 62 9.50 11.55 2.57
CA TYR A 62 8.77 10.31 2.72
C TYR A 62 7.94 9.96 1.48
N THR A 63 7.25 10.94 0.91
CA THR A 63 6.37 10.70 -0.24
C THR A 63 7.18 10.41 -1.52
N ALA A 64 8.32 11.08 -1.69
CA ALA A 64 9.26 10.73 -2.77
C ALA A 64 9.71 9.26 -2.68
N ARG A 65 10.12 8.84 -1.49
CA ARG A 65 10.69 7.50 -1.32
C ARG A 65 9.63 6.39 -1.45
N THR A 66 8.38 6.77 -1.21
CA THR A 66 7.22 5.87 -1.36
C THR A 66 6.39 6.06 -2.63
N ALA A 67 6.87 6.88 -3.56
CA ALA A 67 6.11 7.16 -4.79
C ALA A 67 5.74 5.89 -5.52
N PHE A 68 6.62 4.89 -5.48
CA PHE A 68 6.32 3.62 -6.10
C PHE A 68 5.08 2.91 -5.53
N GLU A 69 4.70 3.25 -4.31
CA GLU A 69 3.50 2.68 -3.68
C GLU A 69 2.21 3.19 -4.31
N ARG A 70 2.29 4.31 -5.05
CA ARG A 70 1.11 4.99 -5.53
C ARG A 70 1.17 5.15 -7.04
N PRO A 71 1.01 4.04 -7.77
CA PRO A 71 1.37 4.07 -9.20
C PRO A 71 0.56 4.96 -10.10
N LEU A 72 -0.67 5.27 -9.77
CA LEU A 72 -1.44 6.11 -10.71
C LEU A 72 -1.43 7.61 -10.27
N LEU A 73 -0.63 7.92 -9.25
CA LEU A 73 -0.53 9.29 -8.70
C LEU A 73 0.68 10.08 -9.19
N SER A 74 0.43 11.26 -9.69
CA SER A 74 1.53 12.17 -10.01
C SER A 74 2.06 12.89 -8.78
N GLY A 75 1.23 13.03 -7.74
CA GLY A 75 1.63 13.71 -6.53
C GLY A 75 0.56 13.56 -5.45
N VAL A 76 0.98 13.80 -4.21
CA VAL A 76 0.10 13.82 -3.03
C VAL A 76 0.44 15.07 -2.25
N ALA A 77 -0.55 15.57 -1.49
CA ALA A 77 -0.37 16.75 -0.69
C ALA A 77 -1.36 16.71 0.46
N TYR A 78 -1.07 17.50 1.48
CA TYR A 78 -1.95 17.65 2.64
C TYR A 78 -2.35 19.13 2.77
N ALA A 79 -3.68 19.36 2.84
CA ALA A 79 -4.27 20.69 2.98
C ALA A 79 -4.93 20.76 4.34
N GLU A 80 -4.69 21.85 5.04
CA GLU A 80 -5.29 22.02 6.36
CA GLU A 80 -5.27 22.04 6.38
C GLU A 80 -6.54 22.88 6.26
N LYS A 81 -7.55 22.53 7.04
CA LYS A 81 -8.77 23.32 7.10
C LYS A 81 -8.46 24.59 7.88
N VAL A 82 -8.79 25.75 7.30
CA VAL A 82 -8.60 27.03 7.93
C VAL A 82 -9.92 27.77 7.79
N VAL A 83 -10.54 28.13 8.91
CA VAL A 83 -11.74 28.97 8.84
CA VAL A 83 -11.74 28.93 8.89
C VAL A 83 -11.34 30.43 8.87
N ASN A 84 -12.20 31.31 8.35
CA ASN A 84 -11.77 32.69 8.19
C ASN A 84 -11.33 33.38 9.46
N PHE A 85 -11.97 33.06 10.60
CA PHE A 85 -11.58 33.71 11.85
CA PHE A 85 -11.60 33.65 11.84
C PHE A 85 -10.14 33.43 12.20
N GLU A 86 -9.58 32.34 11.67
CA GLU A 86 -8.21 31.88 11.92
C GLU A 86 -7.22 32.32 10.87
N ARG A 87 -7.69 32.86 9.75
CA ARG A 87 -6.81 33.02 8.58
C ARG A 87 -5.59 33.89 8.88
N GLU A 88 -5.79 35.06 9.50
CA GLU A 88 -4.64 35.94 9.72
CA GLU A 88 -4.68 35.99 9.82
C GLU A 88 -3.60 35.29 10.65
N MET A 89 -4.07 34.58 11.69
CA MET A 89 -3.20 33.81 12.58
CA MET A 89 -3.15 33.83 12.56
C MET A 89 -2.40 32.77 11.78
N PHE A 90 -3.11 32.01 10.96
CA PHE A 90 -2.53 30.93 10.16
C PHE A 90 -1.43 31.51 9.24
N GLU A 91 -1.76 32.60 8.55
CA GLU A 91 -0.80 33.21 7.62
C GLU A 91 0.45 33.73 8.33
N ARG A 92 0.28 34.38 9.48
CA ARG A 92 1.38 34.91 10.27
CA ARG A 92 1.39 34.90 10.27
C ARG A 92 2.32 33.78 10.74
N GLN A 93 1.72 32.68 11.18
CA GLN A 93 2.48 31.54 11.66
C GLN A 93 3.27 30.88 10.52
N HIS A 94 2.65 30.77 9.35
CA HIS A 94 3.31 30.11 8.19
C HIS A 94 4.19 31.06 7.36
N ASN A 95 4.05 32.36 7.60
CA ASN A 95 4.75 33.40 6.86
C ASN A 95 4.47 33.37 5.37
N TRP A 96 3.20 33.10 5.05
CA TRP A 96 2.69 33.20 3.69
C TRP A 96 1.21 33.33 3.66
N VAL A 97 0.74 33.85 2.53
CA VAL A 97 -0.68 34.14 2.30
CA VAL A 97 -0.69 34.08 2.37
C VAL A 97 -1.34 32.98 1.55
N ILE A 98 -2.59 32.68 1.91
CA ILE A 98 -3.38 31.71 1.21
C ILE A 98 -3.70 32.27 -0.19
N LYS A 99 -3.52 31.43 -1.22
CA LYS A 99 -3.61 31.88 -2.60
C LYS A 99 -4.70 31.09 -3.33
N THR A 100 -5.19 31.66 -4.42
CA THR A 100 -6.17 31.00 -5.27
C THR A 100 -5.48 30.08 -6.24
N MET A 101 -6.13 29.00 -6.63
CA MET A 101 -5.44 28.03 -7.48
C MET A 101 -5.43 28.46 -8.92
N ASP A 102 -6.32 29.35 -9.32
CA ASP A 102 -6.36 29.71 -10.73
C ASP A 102 -5.14 30.56 -11.13
N ARG A 103 -4.77 31.54 -10.31
CA ARG A 103 -3.72 32.50 -10.68
CA ARG A 103 -3.72 32.50 -10.68
C ARG A 103 -2.62 32.67 -9.63
N GLY A 104 -2.73 31.96 -8.51
CA GLY A 104 -1.74 32.11 -7.45
C GLY A 104 -1.81 33.49 -6.81
N GLU A 105 -2.97 34.14 -6.85
CA GLU A 105 -3.13 35.44 -6.20
CA GLU A 105 -3.13 35.44 -6.21
C GLU A 105 -3.64 35.29 -4.77
N PRO A 106 -3.37 36.30 -3.91
CA PRO A 106 -3.92 36.18 -2.55
C PRO A 106 -5.40 35.95 -2.58
N SER A 107 -5.88 35.03 -1.75
CA SER A 107 -7.31 34.69 -1.74
C SER A 107 -8.16 35.86 -1.26
N PRO A 108 -9.31 36.08 -1.92
CA PRO A 108 -10.31 36.90 -1.28
C PRO A 108 -10.88 36.21 -0.01
N VAL A 109 -11.69 36.98 0.73
CA VAL A 109 -12.29 36.47 1.93
C VAL A 109 -13.31 35.41 1.56
N ARG A 110 -13.21 34.29 2.25
CA ARG A 110 -14.09 33.13 2.10
C ARG A 110 -14.40 32.59 3.48
N ASP A 111 -15.49 31.84 3.62
CA ASP A 111 -15.84 31.32 4.94
C ASP A 111 -14.72 30.42 5.52
N GLU A 112 -14.12 29.63 4.64
CA GLU A 112 -13.08 28.70 4.99
C GLU A 112 -12.25 28.41 3.77
N TYR A 113 -11.13 27.75 4.02
CA TYR A 113 -10.14 27.48 3.02
C TYR A 113 -9.54 26.11 3.30
N ALA A 114 -8.83 25.60 2.31
CA ALA A 114 -8.05 24.37 2.42
C ALA A 114 -6.63 24.57 1.80
N PRO A 115 -5.78 25.40 2.43
CA PRO A 115 -4.45 25.61 1.85
C PRO A 115 -3.57 24.39 2.03
N VAL A 116 -2.81 24.09 0.99
CA VAL A 116 -1.83 23.02 1.03
C VAL A 116 -0.61 23.45 1.87
N ILE A 117 -0.30 22.67 2.89
CA ILE A 117 0.80 22.92 3.77
C ILE A 117 1.96 21.96 3.59
N PHE A 118 1.69 20.77 3.07
CA PHE A 118 2.73 19.76 2.77
C PHE A 118 2.46 19.24 1.35
N SER A 119 3.53 19.03 0.59
CA SER A 119 3.40 18.56 -0.78
C SER A 119 4.58 17.71 -1.17
N GLN A 120 4.29 16.65 -1.91
CA GLN A 120 5.30 15.96 -2.66
C GLN A 120 5.94 16.95 -3.66
N ASP A 121 7.23 16.86 -3.92
CA ASP A 121 7.89 17.85 -4.76
C ASP A 121 7.34 17.88 -6.19
N SER A 122 6.82 16.73 -6.66
CA SER A 122 6.21 16.62 -7.98
C SER A 122 5.02 17.55 -8.14
N VAL A 123 4.38 17.92 -7.02
CA VAL A 123 3.25 18.90 -7.03
C VAL A 123 3.54 20.07 -6.09
N SER A 124 4.81 20.50 -6.04
CA SER A 124 5.23 21.57 -5.14
C SER A 124 4.51 22.90 -5.39
N TYR A 125 4.10 23.13 -6.64
CA TYR A 125 3.29 24.30 -7.02
C TYR A 125 1.98 24.41 -6.24
N LEU A 126 1.54 23.32 -5.58
CA LEU A 126 0.31 23.41 -4.77
C LEU A 126 0.51 24.12 -3.45
N GLU A 127 1.76 24.28 -3.01
CA GLU A 127 1.97 24.81 -1.69
C GLU A 127 1.34 26.23 -1.58
N SER A 128 0.55 26.42 -0.54
CA SER A 128 -0.16 27.67 -0.20
C SER A 128 -1.43 27.91 -1.00
N LEU A 129 -1.68 27.10 -2.01
CA LEU A 129 -2.95 27.21 -2.76
C LEU A 129 -4.12 26.66 -1.98
N ASP A 130 -5.23 27.38 -2.03
CA ASP A 130 -6.48 26.92 -1.42
C ASP A 130 -7.19 25.92 -2.33
N MET A 131 -7.31 24.67 -1.89
CA MET A 131 -7.92 23.60 -2.66
C MET A 131 -9.44 23.77 -2.78
N MET A 132 -10.04 24.65 -1.97
CA MET A 132 -11.46 24.96 -2.13
CA MET A 132 -11.46 24.95 -2.14
C MET A 132 -11.68 25.99 -3.24
N SER A 133 -10.61 26.53 -3.82
CA SER A 133 -10.74 27.51 -4.90
C SER A 133 -10.81 26.93 -6.33
N GLY A 134 -10.91 25.60 -6.43
CA GLY A 134 -11.27 24.91 -7.67
C GLY A 134 -12.53 24.13 -7.39
N GLU A 135 -13.50 24.13 -8.31
CA GLU A 135 -14.81 23.57 -7.98
C GLU A 135 -14.79 22.06 -7.82
N GLU A 136 -14.03 21.37 -8.67
CA GLU A 136 -13.90 19.90 -8.52
C GLU A 136 -13.31 19.53 -7.16
N ASP A 137 -12.24 20.22 -6.81
CA ASP A 137 -11.55 19.99 -5.53
C ASP A 137 -12.43 20.37 -4.34
N ARG A 138 -13.15 21.49 -4.46
CA ARG A 138 -14.05 21.93 -3.40
C ARG A 138 -15.12 20.89 -3.09
N GLU A 139 -15.81 20.45 -4.12
CA GLU A 139 -16.88 19.44 -3.97
C GLU A 139 -16.32 18.15 -3.39
N ASN A 140 -15.13 17.78 -3.84
CA ASN A 140 -14.50 16.56 -3.32
C ASN A 140 -14.18 16.70 -1.84
N ILE A 141 -13.65 17.84 -1.44
CA ILE A 141 -13.33 18.14 -0.04
C ILE A 141 -14.59 18.00 0.84
N LEU A 142 -15.70 18.59 0.39
CA LEU A 142 -16.88 18.51 1.21
C LEU A 142 -17.39 17.09 1.33
N ARG A 143 -17.45 16.33 0.23
CA ARG A 143 -17.94 14.99 0.29
C ARG A 143 -17.00 14.07 1.08
N ALA A 144 -15.68 14.32 0.98
CA ALA A 144 -14.73 13.58 1.79
C ALA A 144 -15.03 13.77 3.27
N ARG A 145 -15.12 15.00 3.74
CA ARG A 145 -15.28 15.23 5.16
C ARG A 145 -16.65 14.81 5.67
N GLU A 146 -17.68 14.93 4.81
CA GLU A 146 -19.04 14.56 5.22
C GLU A 146 -19.23 13.05 5.28
N THR A 147 -18.54 12.29 4.41
CA THR A 147 -18.72 10.85 4.37
C THR A 147 -17.68 10.04 5.14
N GLY A 148 -16.53 10.65 5.38
CA GLY A 148 -15.44 9.97 6.06
C GLY A 148 -14.70 9.00 5.18
N LYS A 149 -14.93 9.04 3.87
CA LYS A 149 -14.27 8.10 2.98
C LYS A 149 -13.59 8.78 1.81
N ALA A 150 -12.71 8.02 1.16
CA ALA A 150 -12.03 8.44 -0.06
C ALA A 150 -13.07 8.82 -1.07
N VAL A 151 -12.88 9.95 -1.77
CA VAL A 151 -13.78 10.33 -2.85
C VAL A 151 -13.04 10.79 -4.09
N LEU A 152 -13.66 10.57 -5.24
CA LEU A 152 -13.11 10.96 -6.53
C LEU A 152 -13.86 12.11 -7.20
N THR A 153 -13.12 13.02 -7.82
CA THR A 153 -13.72 14.02 -8.69
C THR A 153 -14.18 13.44 -10.04
N SER A 154 -14.95 14.25 -10.78
CA SER A 154 -15.16 14.05 -12.21
C SER A 154 -13.83 14.29 -12.92
N PRO A 155 -13.70 13.84 -14.18
CA PRO A 155 -12.45 14.16 -14.89
C PRO A 155 -12.34 15.65 -15.20
N PHE A 156 -11.15 16.19 -14.95
CA PHE A 156 -10.85 17.57 -15.33
C PHE A 156 -9.36 17.76 -15.61
N ARG A 157 -9.01 18.90 -16.21
CA ARG A 157 -7.63 19.15 -16.55
C ARG A 157 -6.90 19.68 -15.32
N LEU A 158 -5.93 18.90 -14.87
CA LEU A 158 -5.16 19.15 -13.66
C LEU A 158 -4.35 20.44 -13.77
N LEU A 159 -4.07 21.02 -12.61
CA LEU A 159 -3.25 22.21 -12.52
C LEU A 159 -1.88 21.97 -13.15
N GLU A 160 -1.37 23.00 -13.84
CA GLU A 160 -0.03 23.05 -14.41
C GLU A 160 0.20 22.25 -15.67
N THR A 161 -0.09 20.95 -15.59
CA THR A 161 0.10 20.06 -16.71
C THR A 161 -1.03 20.16 -17.69
N HIS A 162 -2.21 20.45 -17.15
CA HIS A 162 -3.46 20.43 -17.89
C HIS A 162 -3.76 19.02 -18.39
N HIS A 163 -3.20 18.00 -17.74
CA HIS A 163 -3.50 16.61 -18.13
C HIS A 163 -4.87 16.23 -17.65
N LEU A 164 -5.63 15.53 -18.47
CA LEU A 164 -6.96 15.09 -18.08
C LEU A 164 -6.84 14.02 -17.00
N GLY A 165 -7.41 14.28 -15.82
CA GLY A 165 -7.25 13.36 -14.67
C GLY A 165 -8.36 13.48 -13.66
N VAL A 166 -8.17 12.88 -12.48
CA VAL A 166 -9.08 13.01 -11.35
C VAL A 166 -8.27 13.22 -10.06
N VAL A 167 -8.93 13.78 -9.06
CA VAL A 167 -8.33 13.92 -7.75
C VAL A 167 -9.04 13.01 -6.77
N LEU A 168 -8.24 12.39 -5.92
CA LEU A 168 -8.71 11.53 -4.82
C LEU A 168 -8.45 12.29 -3.54
N THR A 169 -9.45 12.38 -2.65
CA THR A 169 -9.32 13.18 -1.41
C THR A 169 -9.81 12.32 -0.23
N PHE A 170 -9.02 12.27 0.85
CA PHE A 170 -9.37 11.57 2.13
C PHE A 170 -9.42 12.63 3.17
N PRO A 171 -10.41 12.57 4.08
CA PRO A 171 -10.44 13.45 5.19
C PRO A 171 -9.47 13.03 6.30
N VAL A 172 -8.96 14.00 7.04
CA VAL A 172 -8.23 13.76 8.26
C VAL A 172 -8.99 14.46 9.39
N TYR A 173 -9.30 13.69 10.42
CA TYR A 173 -10.03 14.23 11.55
C TYR A 173 -9.20 14.44 12.81
N LYS A 174 -9.69 15.39 13.59
CA LYS A 174 -9.24 15.62 14.95
C LYS A 174 -9.64 14.46 15.88
N SER A 175 -8.88 14.32 16.97
CA SER A 175 -9.14 13.28 17.99
C SER A 175 -10.49 13.45 18.67
N SER A 176 -11.08 14.65 18.56
CA SER A 176 -12.38 14.94 19.13
C SER A 176 -13.57 14.34 18.37
N LEU A 177 -13.33 13.73 17.21
CA LEU A 177 -14.39 13.10 16.42
C LEU A 177 -15.07 12.04 17.29
N PRO A 178 -16.40 12.15 17.54
CA PRO A 178 -17.10 11.12 18.33
C PRO A 178 -17.15 9.78 17.64
N GLU A 179 -17.39 8.70 18.38
CA GLU A 179 -17.64 7.41 17.73
C GLU A 179 -19.05 7.47 17.14
N ASN A 180 -19.26 6.74 16.03
CA ASN A 180 -20.49 6.81 15.25
CA ASN A 180 -20.48 6.81 15.23
C ASN A 180 -20.92 8.26 15.00
N PRO A 181 -20.03 9.05 14.35
CA PRO A 181 -20.32 10.48 14.22
C PRO A 181 -21.44 10.80 13.20
N THR A 182 -22.18 11.87 13.47
CA THR A 182 -23.08 12.41 12.47
C THR A 182 -22.27 13.23 11.46
N VAL A 183 -22.89 13.61 10.36
CA VAL A 183 -22.20 14.45 9.38
C VAL A 183 -21.79 15.80 10.02
N GLU A 184 -22.69 16.38 10.80
CA GLU A 184 -22.39 17.64 11.47
C GLU A 184 -21.14 17.49 12.35
N GLU A 185 -21.06 16.38 13.04
CA GLU A 185 -19.86 16.09 13.89
C GLU A 185 -18.57 15.90 13.09
N ARG A 186 -18.67 15.20 11.96
CA ARG A 186 -17.54 15.04 11.03
C ARG A 186 -16.99 16.40 10.57
N ILE A 187 -17.91 17.29 10.17
CA ILE A 187 -17.52 18.61 9.72
C ILE A 187 -16.75 19.35 10.85
N ALA A 188 -17.32 19.32 12.06
CA ALA A 188 -16.74 20.04 13.20
C ALA A 188 -15.38 19.47 13.57
N ALA A 189 -15.21 18.17 13.37
CA ALA A 189 -13.95 17.49 13.69
C ALA A 189 -12.93 17.49 12.58
N THR A 190 -13.20 18.14 11.46
CA THR A 190 -12.28 18.02 10.32
C THR A 190 -10.99 18.82 10.61
N ALA A 191 -9.83 18.17 10.44
CA ALA A 191 -8.56 18.84 10.55
C ALA A 191 -8.05 19.28 9.17
N GLY A 192 -8.26 18.45 8.15
CA GLY A 192 -7.79 18.72 6.78
C GLY A 192 -7.99 17.53 5.88
N TYR A 193 -7.24 17.53 4.78
CA TYR A 193 -7.52 16.64 3.66
C TYR A 193 -6.23 16.17 3.00
N LEU A 194 -6.17 14.88 2.69
CA LEU A 194 -5.04 14.28 1.97
CA LEU A 194 -5.05 14.31 1.97
C LEU A 194 -5.51 14.08 0.53
N GLY A 195 -4.89 14.79 -0.39
CA GLY A 195 -5.27 14.77 -1.78
C GLY A 195 -4.21 14.13 -2.65
N GLY A 196 -4.67 13.35 -3.63
CA GLY A 196 -3.76 12.71 -4.56
C GLY A 196 -4.25 12.98 -5.97
N ALA A 197 -3.34 13.45 -6.83
CA ALA A 197 -3.64 13.70 -8.23
C ALA A 197 -3.41 12.46 -9.11
N PHE A 198 -4.51 11.91 -9.65
CA PHE A 198 -4.50 10.80 -10.62
CA PHE A 198 -4.42 10.81 -10.61
C PHE A 198 -4.33 11.40 -12.01
N ASP A 199 -3.10 11.41 -12.52
CA ASP A 199 -2.83 11.93 -13.85
C ASP A 199 -3.12 10.80 -14.80
N VAL A 200 -4.41 10.63 -15.13
CA VAL A 200 -4.85 9.52 -15.96
C VAL A 200 -4.22 9.62 -17.35
N GLU A 201 -4.21 10.83 -17.92
CA GLU A 201 -3.76 11.05 -19.31
C GLU A 201 -2.36 10.47 -19.55
N SER A 202 -1.44 10.81 -18.66
CA SER A 202 -0.05 10.36 -18.79
C SER A 202 0.15 8.94 -18.23
N LEU A 203 -0.33 8.70 -17.01
CA LEU A 203 0.04 7.50 -16.27
C LEU A 203 -0.72 6.26 -16.75
N VAL A 204 -1.95 6.43 -17.22
CA VAL A 204 -2.67 5.31 -17.85
C VAL A 204 -2.16 5.02 -19.27
N GLU A 205 -1.84 6.06 -20.01
CA GLU A 205 -1.13 5.85 -21.29
C GLU A 205 0.19 5.08 -21.12
N ASN A 206 0.91 5.39 -20.06
CA ASN A 206 2.17 4.68 -19.75
C ASN A 206 1.92 3.19 -19.43
N LEU A 207 0.86 2.93 -18.68
CA LEU A 207 0.49 1.59 -18.29
C LEU A 207 0.05 0.78 -19.51
N LEU A 208 -0.89 1.32 -20.28
CA LEU A 208 -1.41 0.63 -21.48
C LEU A 208 -0.42 0.47 -22.61
N GLY A 209 0.39 1.51 -22.85
CA GLY A 209 1.30 1.55 -23.99
C GLY A 209 2.42 0.53 -23.96
N GLN A 210 2.70 -0.03 -22.79
CA GLN A 210 3.74 -1.04 -22.67
C GLN A 210 3.22 -2.45 -22.91
N LEU A 211 1.91 -2.60 -22.98
CA LEU A 211 1.30 -3.93 -23.08
C LEU A 211 1.32 -4.45 -24.51
N ALA A 212 1.64 -5.74 -24.64
CA ALA A 212 1.64 -6.36 -25.94
C ALA A 212 0.23 -6.27 -26.55
N GLY A 213 0.17 -5.97 -27.84
CA GLY A 213 -1.11 -5.82 -28.55
C GLY A 213 -1.73 -4.44 -28.44
N ASN A 214 -1.01 -3.49 -27.84
CA ASN A 214 -1.54 -2.14 -27.60
C ASN A 214 -1.89 -1.44 -28.91
N GLN A 215 -1.09 -1.67 -29.94
CA GLN A 215 -1.29 -1.00 -31.23
C GLN A 215 -2.56 -1.48 -31.92
N ALA A 216 -3.02 -2.69 -31.55
CA ALA A 216 -4.21 -3.30 -32.13
C ALA A 216 -5.55 -2.76 -31.59
N ILE A 217 -5.51 -2.07 -30.45
CA ILE A 217 -6.69 -1.83 -29.62
C ILE A 217 -6.80 -0.33 -29.29
N VAL A 218 -8.04 0.16 -29.17
CA VAL A 218 -8.35 1.51 -28.73
C VAL A 218 -9.05 1.35 -27.39
N VAL A 219 -8.57 2.06 -26.38
CA VAL A 219 -9.09 1.94 -25.02
C VAL A 219 -9.56 3.33 -24.59
N HIS A 220 -10.84 3.41 -24.23
CA HIS A 220 -11.45 4.61 -23.64
C HIS A 220 -12.05 4.25 -22.28
N VAL A 221 -11.95 5.20 -21.33
CA VAL A 221 -12.55 5.04 -20.01
C VAL A 221 -13.48 6.24 -19.83
N TYR A 222 -14.69 5.97 -19.34
CA TYR A 222 -15.71 7.01 -19.15
C TYR A 222 -16.15 7.06 -17.71
N ASP A 223 -16.48 8.29 -17.26
CA ASP A 223 -17.20 8.51 -16.03
C ASP A 223 -18.67 8.58 -16.43
N ILE A 224 -19.46 7.62 -15.95
CA ILE A 224 -20.86 7.43 -16.33
C ILE A 224 -21.76 7.60 -15.10
N THR A 225 -21.25 8.33 -14.10
CA THR A 225 -22.04 8.78 -12.94
C THR A 225 -23.42 9.29 -13.38
N ASN A 226 -23.45 10.16 -14.39
CA ASN A 226 -24.70 10.62 -15.02
C ASN A 226 -24.87 9.93 -16.38
N ALA A 227 -25.83 9.00 -16.43
CA ALA A 227 -26.13 8.21 -17.62
C ALA A 227 -26.25 9.03 -18.92
N SER A 228 -26.91 10.19 -18.86
CA SER A 228 -27.17 11.01 -20.06
C SER A 228 -26.03 11.97 -20.42
N ASP A 229 -25.00 12.02 -19.58
CA ASP A 229 -23.86 12.93 -19.76
C ASP A 229 -22.55 12.19 -19.43
N PRO A 230 -22.20 11.17 -20.23
CA PRO A 230 -20.96 10.46 -19.96
C PRO A 230 -19.78 11.38 -20.21
N LEU A 231 -18.75 11.24 -19.39
CA LEU A 231 -17.57 12.11 -19.45
C LEU A 231 -16.31 11.30 -19.74
N VAL A 232 -15.53 11.75 -20.71
CA VAL A 232 -14.28 11.11 -21.10
CA VAL A 232 -14.30 11.05 -21.07
C VAL A 232 -13.27 11.22 -19.95
N MET A 233 -12.80 10.09 -19.45
CA MET A 233 -11.76 10.06 -18.42
C MET A 233 -10.41 9.72 -19.05
N TYR A 234 -10.43 8.78 -19.99
CA TYR A 234 -9.23 8.45 -20.75
C TYR A 234 -9.60 8.12 -22.20
N GLY A 235 -8.76 8.60 -23.12
CA GLY A 235 -8.81 8.17 -24.51
C GLY A 235 -9.21 9.33 -25.39
N ASN A 236 -8.92 9.21 -26.69
CA ASN A 236 -9.23 10.26 -27.67
C ASN A 236 -10.76 10.47 -27.81
N GLN A 237 -11.46 9.66 -28.61
CA GLN A 237 -12.96 9.58 -28.64
C GLN A 237 -13.66 9.21 -29.98
N ASP A 238 -13.46 9.91 -31.09
CA ASP A 238 -12.39 10.90 -31.30
C ASP A 238 -11.17 10.19 -31.91
N GLU A 239 -11.39 9.08 -32.61
CA GLU A 239 -10.28 8.24 -33.07
C GLU A 239 -10.73 7.26 -34.14
N GLU A 240 -9.77 6.78 -34.94
CA GLU A 240 -10.03 5.76 -35.94
C GLU A 240 -10.17 4.41 -35.22
N ALA A 241 -11.42 4.01 -34.97
CA ALA A 241 -11.73 2.74 -34.31
C ALA A 241 -12.78 1.94 -35.08
N ASP A 242 -12.74 0.62 -34.91
CA ASP A 242 -13.67 -0.29 -35.56
C ASP A 242 -15.08 -0.08 -35.02
N ARG A 243 -15.91 0.59 -35.82
CA ARG A 243 -17.29 0.93 -35.42
C ARG A 243 -18.19 -0.29 -35.19
N SER A 244 -17.93 -1.38 -35.89
CA SER A 244 -18.83 -2.53 -35.88
C SER A 244 -18.71 -3.48 -34.68
N LEU A 245 -17.71 -3.29 -33.81
CA LEU A 245 -17.55 -4.18 -32.66
C LEU A 245 -16.91 -3.46 -31.46
N SER A 246 -17.49 -3.68 -30.28
CA SER A 246 -16.91 -3.12 -29.06
C SER A 246 -17.13 -4.05 -27.90
N HIS A 247 -16.43 -3.79 -26.82
CA HIS A 247 -16.67 -4.51 -25.59
C HIS A 247 -16.60 -3.51 -24.44
N GLU A 248 -17.52 -3.70 -23.49
CA GLU A 248 -17.55 -2.92 -22.27
C GLU A 248 -17.00 -3.78 -21.14
N SER A 249 -15.90 -3.32 -20.55
CA SER A 249 -15.34 -3.97 -19.35
C SER A 249 -15.66 -3.13 -18.14
N LYS A 250 -15.89 -3.82 -17.03
CA LYS A 250 -16.34 -3.15 -15.82
C LYS A 250 -15.17 -2.54 -15.05
N LEU A 251 -15.42 -1.39 -14.45
CA LEU A 251 -14.42 -0.73 -13.59
C LEU A 251 -15.10 -0.29 -12.30
N ASP A 252 -14.39 -0.43 -11.18
CA ASP A 252 -14.87 0.08 -9.90
C ASP A 252 -13.72 0.76 -9.18
N PHE A 253 -13.75 2.09 -9.18
CA PHE A 253 -12.69 2.90 -8.54
C PHE A 253 -12.99 3.18 -7.06
N GLY A 254 -14.15 2.74 -6.60
CA GLY A 254 -14.39 2.53 -5.18
C GLY A 254 -15.13 3.67 -4.50
N ASP A 255 -15.50 4.69 -5.28
CA ASP A 255 -16.33 5.80 -4.76
C ASP A 255 -17.77 5.56 -5.20
N PRO A 256 -18.66 5.21 -4.26
CA PRO A 256 -20.04 4.88 -4.67
C PRO A 256 -20.80 6.06 -5.30
N PHE A 257 -20.31 7.28 -5.12
CA PHE A 257 -20.90 8.43 -5.79
C PHE A 257 -20.65 8.43 -7.30
N ARG A 258 -19.60 7.75 -7.74
CA ARG A 258 -19.23 7.75 -9.15
C ARG A 258 -19.32 6.35 -9.78
N LYS A 259 -19.55 6.33 -11.09
CA LYS A 259 -19.51 5.10 -11.85
CA LYS A 259 -19.55 5.10 -11.88
C LYS A 259 -18.64 5.30 -13.09
N HIS A 260 -17.94 4.22 -13.48
CA HIS A 260 -17.07 4.26 -14.66
C HIS A 260 -17.17 2.96 -15.44
N LYS A 261 -16.75 3.04 -16.70
CA LYS A 261 -16.63 1.85 -17.58
C LYS A 261 -15.47 2.02 -18.55
N MET A 262 -14.97 0.89 -19.08
CA MET A 262 -13.93 0.91 -20.08
C MET A 262 -14.57 0.39 -21.37
N ILE A 263 -14.25 1.03 -22.49
CA ILE A 263 -14.69 0.54 -23.80
C ILE A 263 -13.49 0.37 -24.70
N CYS A 264 -13.37 -0.82 -25.29
CA CYS A 264 -12.30 -1.15 -26.21
C CYS A 264 -12.86 -1.53 -27.58
N ARG A 265 -12.18 -1.08 -28.63
CA ARG A 265 -12.43 -1.52 -30.01
C ARG A 265 -11.10 -1.78 -30.67
N TYR A 266 -11.14 -2.49 -31.80
CA TYR A 266 -9.98 -2.59 -32.63
C TYR A 266 -9.79 -1.31 -33.44
N HIS A 267 -8.55 -1.01 -33.81
CA HIS A 267 -8.25 0.04 -34.81
C HIS A 267 -9.04 -0.10 -36.12
N GLN A 268 -8.91 -1.25 -36.78
CA GLN A 268 -9.43 -1.43 -38.14
C GLN A 268 -10.68 -2.31 -38.16
N ASP B 2 -15.57 -41.66 -17.21
CA ASP B 2 -15.96 -41.20 -18.58
C ASP B 2 -17.04 -40.12 -18.47
N ASP B 3 -16.88 -38.94 -19.09
CA ASP B 3 -15.73 -38.58 -19.93
C ASP B 3 -15.70 -37.06 -20.15
N ALA B 4 -16.79 -36.53 -20.72
CA ALA B 4 -16.99 -35.09 -20.77
C ALA B 4 -17.08 -34.55 -19.34
N ASN B 5 -17.70 -35.34 -18.45
CA ASN B 5 -17.79 -34.96 -17.05
C ASN B 5 -16.41 -34.91 -16.37
N LYS B 6 -15.51 -35.83 -16.73
CA LYS B 6 -14.10 -35.73 -16.34
C LYS B 6 -13.43 -34.42 -16.78
N ILE B 7 -13.68 -34.02 -18.02
CA ILE B 7 -13.04 -32.82 -18.56
C ILE B 7 -13.49 -31.59 -17.77
N ARG B 8 -14.80 -31.49 -17.55
CA ARG B 8 -15.35 -30.40 -16.75
C ARG B 8 -14.83 -30.45 -15.30
N ARG B 9 -14.73 -31.65 -14.74
CA ARG B 9 -14.20 -31.80 -13.39
C ARG B 9 -12.77 -31.22 -13.30
N GLU B 10 -11.96 -31.50 -14.31
CA GLU B 10 -10.62 -30.91 -14.43
C GLU B 10 -10.66 -29.39 -14.56
N GLU B 11 -11.53 -28.88 -15.42
CA GLU B 11 -11.62 -27.43 -15.61
C GLU B 11 -12.02 -26.74 -14.32
N VAL B 12 -12.89 -27.36 -13.53
CA VAL B 12 -13.33 -26.74 -12.28
C VAL B 12 -12.15 -26.70 -11.32
N LEU B 13 -11.39 -27.80 -11.26
CA LEU B 13 -10.23 -27.86 -10.37
C LEU B 13 -9.21 -26.77 -10.67
N VAL B 14 -8.87 -26.62 -11.96
CA VAL B 14 -7.95 -25.60 -12.40
C VAL B 14 -8.45 -24.21 -12.02
N SER B 15 -9.71 -23.93 -12.31
CA SER B 15 -10.30 -22.62 -12.00
CA SER B 15 -10.31 -22.63 -12.01
C SER B 15 -10.28 -22.34 -10.50
N MET B 16 -10.74 -23.30 -9.68
CA MET B 16 -10.73 -23.14 -8.21
C MET B 16 -9.35 -22.92 -7.64
N CYS B 17 -8.37 -23.71 -8.12
CA CYS B 17 -7.01 -23.61 -7.64
C CYS B 17 -6.35 -22.32 -8.10
N ASP B 18 -6.47 -21.99 -9.37
CA ASP B 18 -5.89 -20.74 -9.88
C ASP B 18 -6.45 -19.51 -9.15
N GLN B 19 -7.76 -19.49 -8.89
CA GLN B 19 -8.36 -18.34 -8.19
C GLN B 19 -7.79 -18.18 -6.77
N ARG B 20 -7.68 -19.29 -6.04
CA ARG B 20 -7.12 -19.29 -4.67
C ARG B 20 -5.66 -18.86 -4.66
N ALA B 21 -4.92 -19.33 -5.64
CA ALA B 21 -3.54 -18.92 -5.81
C ALA B 21 -3.44 -17.39 -6.07
N ARG B 22 -4.26 -16.87 -6.96
CA ARG B 22 -4.30 -15.41 -7.22
C ARG B 22 -4.60 -14.64 -5.95
N MET B 23 -5.62 -15.07 -5.21
CA MET B 23 -6.03 -14.37 -3.99
C MET B 23 -4.88 -14.36 -2.97
N LEU B 24 -4.25 -15.49 -2.81
CA LEU B 24 -3.12 -15.60 -1.90
C LEU B 24 -1.91 -14.78 -2.34
N GLN B 25 -1.56 -14.85 -3.62
CA GLN B 25 -0.44 -14.06 -4.13
C GLN B 25 -0.71 -12.55 -3.99
N ASP B 26 -1.94 -12.11 -4.26
CA ASP B 26 -2.24 -10.68 -4.19
CA ASP B 26 -2.32 -10.68 -4.16
C ASP B 26 -2.18 -10.19 -2.74
N GLN B 27 -2.75 -10.93 -1.80
CA GLN B 27 -2.71 -10.55 -0.40
C GLN B 27 -1.27 -10.54 0.12
N PHE B 28 -0.45 -11.48 -0.33
CA PHE B 28 0.94 -11.47 0.07
C PHE B 28 1.66 -10.24 -0.48
N SER B 29 1.42 -9.94 -1.75
CA SER B 29 2.03 -8.79 -2.42
C SER B 29 1.69 -7.47 -1.73
N VAL B 30 0.40 -7.28 -1.41
CA VAL B 30 -0.05 -6.07 -0.73
C VAL B 30 0.65 -5.95 0.62
N SER B 31 0.74 -7.08 1.34
CA SER B 31 1.43 -7.12 2.61
C SER B 31 2.91 -6.72 2.52
N VAL B 32 3.64 -7.30 1.56
CA VAL B 32 5.03 -6.98 1.35
C VAL B 32 5.23 -5.49 1.05
N ASN B 33 4.37 -4.94 0.21
CA ASN B 33 4.55 -3.57 -0.19
C ASN B 33 4.35 -2.62 0.98
N HIS B 34 3.42 -2.96 1.85
CA HIS B 34 3.17 -2.12 3.03
C HIS B 34 4.23 -2.28 4.11
N VAL B 35 4.84 -3.46 4.20
CA VAL B 35 5.96 -3.64 5.08
C VAL B 35 7.14 -2.80 4.58
N HIS B 36 7.32 -2.71 3.27
CA HIS B 36 8.41 -1.93 2.68
C HIS B 36 8.22 -0.47 3.05
N ALA B 37 6.98 0.00 2.95
CA ALA B 37 6.69 1.38 3.38
C ALA B 37 7.11 1.63 4.84
N LEU B 38 6.90 0.68 5.73
CA LEU B 38 7.31 0.79 7.12
C LEU B 38 8.81 0.90 7.28
N ALA B 39 9.53 0.13 6.48
CA ALA B 39 10.98 0.23 6.51
C ALA B 39 11.45 1.63 6.10
N ILE B 40 10.80 2.21 5.09
CA ILE B 40 11.07 3.54 4.64
C ILE B 40 10.69 4.54 5.76
N LEU B 41 9.58 4.27 6.44
CA LEU B 41 9.14 5.16 7.52
CA LEU B 41 9.12 5.12 7.55
C LEU B 41 10.18 5.21 8.64
N VAL B 42 10.67 4.05 9.07
CA VAL B 42 11.68 4.03 10.15
C VAL B 42 12.94 4.78 9.68
N SER B 43 13.35 4.54 8.45
CA SER B 43 14.52 5.23 7.92
C SER B 43 14.35 6.75 7.93
N THR B 44 13.25 7.23 7.39
CA THR B 44 13.00 8.64 7.35
C THR B 44 12.89 9.27 8.74
N PHE B 45 12.08 8.68 9.62
CA PHE B 45 11.75 9.30 10.90
C PHE B 45 12.76 9.02 12.00
N HIS B 46 13.38 7.83 11.98
CA HIS B 46 14.32 7.45 13.06
C HIS B 46 15.76 7.83 12.78
N TYR B 47 16.17 7.87 11.51
CA TYR B 47 17.60 8.04 11.18
C TYR B 47 17.84 9.34 10.41
N HIS B 48 16.98 9.67 9.47
CA HIS B 48 17.17 10.89 8.66
C HIS B 48 16.83 12.17 9.39
N LYS B 49 15.88 12.10 10.30
CA LYS B 49 15.61 13.22 11.17
C LYS B 49 16.54 13.10 12.36
N ASN B 50 17.11 14.21 12.76
CA ASN B 50 17.86 14.24 14.00
C ASN B 50 17.37 15.41 14.84
N PRO B 51 16.94 15.14 16.07
CA PRO B 51 16.80 13.84 16.72
C PRO B 51 15.71 12.97 16.09
N SER B 52 15.66 11.71 16.49
CA SER B 52 14.65 10.77 16.03
C SER B 52 13.30 11.36 16.33
N ALA B 53 12.41 11.13 15.37
CA ALA B 53 11.03 11.60 15.42
C ALA B 53 10.06 10.45 15.34
N ILE B 54 10.50 9.27 15.75
CA ILE B 54 9.69 8.08 15.92
C ILE B 54 10.08 7.35 17.18
N ASP B 55 9.08 6.81 17.86
CA ASP B 55 9.24 6.15 19.17
C ASP B 55 8.23 5.00 19.28
N GLN B 56 8.25 4.25 20.38
CA GLN B 56 7.41 3.06 20.45
C GLN B 56 5.94 3.45 20.39
N GLU B 57 5.57 4.50 21.09
CA GLU B 57 4.15 4.93 21.15
C GLU B 57 3.65 5.23 19.73
N THR B 58 4.44 5.96 18.95
CA THR B 58 4.08 6.36 17.62
CA THR B 58 3.98 6.34 17.61
C THR B 58 4.07 5.18 16.65
N PHE B 59 5.09 4.35 16.74
CA PHE B 59 5.13 3.15 15.95
C PHE B 59 3.95 2.26 16.24
N ALA B 60 3.58 2.10 17.50
CA ALA B 60 2.44 1.24 17.87
C ALA B 60 1.14 1.82 17.29
N GLU B 61 0.96 3.11 17.46
CA GLU B 61 -0.27 3.78 16.88
C GLU B 61 -0.33 3.64 15.36
N TYR B 62 0.77 3.97 14.68
CA TYR B 62 0.75 3.96 13.21
C TYR B 62 0.48 2.56 12.67
N THR B 63 1.15 1.57 13.27
CA THR B 63 1.02 0.18 12.84
C THR B 63 -0.39 -0.35 13.18
N ALA B 64 -0.93 -0.02 14.34
CA ALA B 64 -2.31 -0.43 14.69
C ALA B 64 -3.30 0.13 13.67
N ARG B 65 -3.17 1.42 13.39
CA ARG B 65 -4.10 2.10 12.48
C ARG B 65 -4.04 1.64 11.02
N THR B 66 -2.87 1.11 10.62
CA THR B 66 -2.63 0.64 9.26
C THR B 66 -2.62 -0.89 9.17
N ALA B 67 -3.09 -1.58 10.21
CA ALA B 67 -3.07 -3.05 10.21
C ALA B 67 -3.85 -3.59 9.03
N PHE B 68 -4.92 -2.90 8.60
CA PHE B 68 -5.71 -3.32 7.47
C PHE B 68 -4.91 -3.38 6.16
N GLU B 69 -3.80 -2.66 6.10
CA GLU B 69 -2.94 -2.64 4.92
C GLU B 69 -2.05 -3.89 4.82
N ARG B 70 -1.99 -4.68 5.88
CA ARG B 70 -1.09 -5.83 5.91
C ARG B 70 -1.86 -7.08 6.28
N PRO B 71 -2.70 -7.56 5.34
CA PRO B 71 -3.70 -8.57 5.68
C PRO B 71 -3.13 -9.92 6.11
N LEU B 72 -1.92 -10.27 5.70
CA LEU B 72 -1.47 -11.60 6.07
C LEU B 72 -0.51 -11.58 7.24
N LEU B 73 -0.37 -10.40 7.84
CA LEU B 73 0.57 -10.23 8.94
C LEU B 73 -0.10 -10.20 10.31
N SER B 74 0.42 -10.97 11.23
CA SER B 74 -0.05 -10.92 12.60
C SER B 74 0.58 -9.75 13.35
N GLY B 75 1.72 -9.26 12.88
CA GLY B 75 2.31 -8.06 13.44
C GLY B 75 3.60 -7.67 12.71
N VAL B 76 4.08 -6.47 13.02
CA VAL B 76 5.34 -5.97 12.50
C VAL B 76 6.12 -5.32 13.62
N ALA B 77 7.44 -5.35 13.43
CA ALA B 77 8.35 -4.85 14.43
C ALA B 77 9.63 -4.36 13.78
N TYR B 78 10.33 -3.53 14.52
CA TYR B 78 11.63 -3.02 14.10
C TYR B 78 12.70 -3.40 15.13
N ALA B 79 13.75 -4.03 14.62
CA ALA B 79 14.91 -4.43 15.40
C ALA B 79 16.10 -3.60 14.97
N GLU B 80 16.86 -3.12 15.94
CA GLU B 80 18.00 -2.30 15.59
C GLU B 80 19.26 -3.17 15.64
N LYS B 81 20.22 -2.93 14.74
CA LYS B 81 21.48 -3.61 14.79
C LYS B 81 22.32 -3.04 15.94
N VAL B 82 22.79 -3.92 16.79
CA VAL B 82 23.62 -3.54 17.95
C VAL B 82 24.85 -4.43 17.93
N VAL B 83 26.04 -3.84 17.79
CA VAL B 83 27.28 -4.63 17.89
C VAL B 83 27.68 -4.69 19.38
N ASN B 84 28.44 -5.72 19.76
CA ASN B 84 28.70 -5.92 21.19
C ASN B 84 29.31 -4.71 21.94
N PHE B 85 30.23 -3.96 21.33
CA PHE B 85 30.83 -2.80 22.03
C PHE B 85 29.78 -1.80 22.49
N GLU B 86 28.69 -1.76 21.75
CA GLU B 86 27.60 -0.81 21.98
C GLU B 86 26.55 -1.30 22.95
N ARG B 87 26.62 -2.57 23.31
CA ARG B 87 25.55 -3.17 24.13
C ARG B 87 25.31 -2.47 25.45
N GLU B 88 26.36 -2.12 26.19
CA GLU B 88 26.18 -1.47 27.47
C GLU B 88 25.41 -0.15 27.31
N MET B 89 25.81 0.66 26.35
CA MET B 89 25.22 1.99 26.17
C MET B 89 23.76 1.79 25.70
N PHE B 90 23.57 0.83 24.83
CA PHE B 90 22.22 0.54 24.27
C PHE B 90 21.28 0.13 25.39
N GLU B 91 21.68 -0.79 26.25
CA GLU B 91 20.82 -1.26 27.36
C GLU B 91 20.56 -0.14 28.37
N ARG B 92 21.57 0.71 28.62
CA ARG B 92 21.37 1.84 29.52
CA ARG B 92 21.39 1.85 29.51
C ARG B 92 20.33 2.80 28.91
N GLN B 93 20.45 3.04 27.62
CA GLN B 93 19.53 3.95 26.91
C GLN B 93 18.09 3.47 26.93
N HIS B 94 17.90 2.17 26.71
CA HIS B 94 16.56 1.53 26.64
C HIS B 94 16.00 1.08 27.98
N ASN B 95 16.87 1.00 28.99
CA ASN B 95 16.46 0.58 30.33
C ASN B 95 15.92 -0.84 30.33
N TRP B 96 16.53 -1.66 29.49
CA TRP B 96 16.34 -3.08 29.52
C TRP B 96 17.52 -3.85 28.95
N VAL B 97 17.55 -5.13 29.26
CA VAL B 97 18.60 -6.04 28.79
CA VAL B 97 18.62 -5.99 28.73
C VAL B 97 18.13 -6.80 27.53
N ILE B 98 19.03 -7.01 26.59
CA ILE B 98 18.78 -7.81 25.39
C ILE B 98 18.57 -9.28 25.81
N LYS B 99 17.49 -9.88 25.31
CA LYS B 99 17.05 -11.21 25.74
C LYS B 99 17.03 -12.21 24.58
N THR B 100 17.14 -13.49 24.93
CA THR B 100 17.06 -14.57 24.00
C THR B 100 15.62 -14.82 23.65
N MET B 101 15.40 -15.28 22.45
CA MET B 101 14.02 -15.56 21.98
CA MET B 101 14.05 -15.55 21.98
C MET B 101 13.47 -16.82 22.62
N ASP B 102 14.31 -17.81 22.90
CA ASP B 102 13.74 -19.07 23.37
C ASP B 102 13.24 -19.08 24.83
N ARG B 103 13.87 -18.29 25.69
CA ARG B 103 13.48 -18.30 27.11
CA ARG B 103 13.61 -18.31 27.15
C ARG B 103 13.36 -16.91 27.76
N GLY B 104 13.64 -15.85 27.02
CA GLY B 104 13.57 -14.48 27.57
C GLY B 104 14.65 -14.22 28.60
N GLU B 105 15.75 -14.93 28.47
CA GLU B 105 16.86 -14.82 29.42
C GLU B 105 17.84 -13.78 28.89
N PRO B 106 18.61 -13.14 29.77
CA PRO B 106 19.56 -12.12 29.34
C PRO B 106 20.52 -12.73 28.31
N SER B 107 20.80 -12.05 27.21
CA SER B 107 21.56 -12.71 26.16
C SER B 107 23.02 -12.92 26.61
N PRO B 108 23.57 -14.11 26.37
CA PRO B 108 25.04 -14.20 26.49
C PRO B 108 25.70 -13.26 25.50
N VAL B 109 27.00 -13.01 25.65
CA VAL B 109 27.71 -12.20 24.70
C VAL B 109 27.74 -12.83 23.33
N ARG B 110 27.49 -11.97 22.32
CA ARG B 110 27.48 -12.31 20.89
C ARG B 110 28.17 -11.17 20.20
N ASP B 111 28.66 -11.36 18.97
CA ASP B 111 29.32 -10.26 18.26
C ASP B 111 28.35 -9.11 17.98
N GLU B 112 27.14 -9.50 17.68
CA GLU B 112 26.09 -8.47 17.40
C GLU B 112 24.75 -9.06 17.73
N TYR B 113 23.71 -8.20 17.69
CA TYR B 113 22.37 -8.60 18.12
C TYR B 113 21.39 -7.77 17.28
N ALA B 114 20.14 -8.19 17.32
CA ALA B 114 19.05 -7.45 16.64
C ALA B 114 17.84 -7.33 17.57
N PRO B 115 17.99 -6.57 18.66
CA PRO B 115 16.88 -6.47 19.59
C PRO B 115 15.71 -5.66 19.00
N VAL B 116 14.53 -6.17 19.22
CA VAL B 116 13.29 -5.37 18.87
C VAL B 116 13.14 -4.16 19.76
N ILE B 117 13.06 -2.97 19.16
CA ILE B 117 12.87 -1.75 19.87
C ILE B 117 11.46 -1.15 19.62
N PHE B 118 10.89 -1.43 18.46
CA PHE B 118 9.49 -0.96 18.18
C PHE B 118 8.67 -2.17 17.78
N SER B 119 7.42 -2.23 18.23
CA SER B 119 6.59 -3.36 17.94
C SER B 119 5.11 -2.91 17.89
N GLN B 120 4.41 -3.50 16.94
CA GLN B 120 2.94 -3.43 16.97
C GLN B 120 2.48 -4.16 18.22
N ASP B 121 1.42 -3.71 18.87
CA ASP B 121 1.03 -4.30 20.17
C ASP B 121 0.66 -5.78 20.05
N SER B 122 0.25 -6.20 18.85
CA SER B 122 -0.08 -7.59 18.59
C SER B 122 1.10 -8.54 18.78
N VAL B 123 2.30 -7.98 18.64
CA VAL B 123 3.54 -8.74 18.90
C VAL B 123 4.41 -8.03 19.92
N SER B 124 3.77 -7.51 20.97
CA SER B 124 4.45 -6.73 22.00
C SER B 124 5.54 -7.59 22.69
N TYR B 125 5.31 -8.89 22.75
CA TYR B 125 6.21 -9.83 23.41
C TYR B 125 7.58 -9.89 22.74
N LEU B 126 7.71 -9.33 21.53
CA LEU B 126 9.02 -9.26 20.86
C LEU B 126 9.93 -8.19 21.45
N GLU B 127 9.42 -7.19 22.16
CA GLU B 127 10.27 -6.09 22.63
CA GLU B 127 10.25 -6.09 22.65
C GLU B 127 11.42 -6.63 23.50
N SER B 128 12.62 -6.15 23.17
CA SER B 128 13.90 -6.55 23.80
C SER B 128 14.45 -7.90 23.35
N LEU B 129 13.67 -8.72 22.66
CA LEU B 129 14.22 -9.97 22.15
C LEU B 129 15.16 -9.78 20.99
N ASP B 130 16.26 -10.55 21.02
CA ASP B 130 17.21 -10.55 19.97
C ASP B 130 16.78 -11.44 18.83
N MET B 131 16.43 -10.83 17.70
CA MET B 131 15.95 -11.63 16.58
C MET B 131 17.04 -12.53 15.94
N MET B 132 18.32 -12.27 16.26
CA MET B 132 19.36 -13.14 15.76
C MET B 132 19.48 -14.41 16.58
N SER B 133 18.75 -14.51 17.71
CA SER B 133 18.75 -15.70 18.56
C SER B 133 17.78 -16.81 18.14
N GLY B 134 17.14 -16.64 17.00
CA GLY B 134 16.38 -17.70 16.34
C GLY B 134 16.99 -17.91 14.96
N GLU B 135 17.19 -19.16 14.58
CA GLU B 135 18.01 -19.41 13.38
C GLU B 135 17.33 -18.98 12.09
N GLU B 136 16.01 -19.16 11.99
CA GLU B 136 15.30 -18.69 10.79
C GLU B 136 15.40 -17.19 10.66
N ASP B 137 15.12 -16.48 11.76
CA ASP B 137 15.21 -15.01 11.75
C ASP B 137 16.65 -14.51 11.52
N ARG B 138 17.62 -15.20 12.09
CA ARG B 138 19.01 -14.81 11.94
C ARG B 138 19.44 -14.90 10.50
N GLU B 139 19.19 -16.05 9.89
CA GLU B 139 19.48 -16.19 8.44
C GLU B 139 18.78 -15.15 7.57
N ASN B 140 17.54 -14.85 7.88
CA ASN B 140 16.79 -13.85 7.14
C ASN B 140 17.40 -12.45 7.27
N ILE B 141 17.83 -12.10 8.47
CA ILE B 141 18.41 -10.81 8.76
C ILE B 141 19.69 -10.64 7.92
N LEU B 142 20.55 -11.66 7.92
CA LEU B 142 21.78 -11.59 7.15
C LEU B 142 21.53 -11.40 5.65
N ARG B 143 20.63 -12.21 5.10
CA ARG B 143 20.34 -12.12 3.68
C ARG B 143 19.65 -10.80 3.30
N ALA B 144 18.76 -10.32 4.18
CA ALA B 144 18.10 -9.01 3.99
C ALA B 144 19.18 -7.95 3.84
N ARG B 145 20.10 -7.86 4.81
CA ARG B 145 21.08 -6.77 4.78
C ARG B 145 22.12 -6.93 3.67
N GLU B 146 22.51 -8.16 3.37
CA GLU B 146 23.48 -8.39 2.27
C GLU B 146 22.89 -8.14 0.86
N THR B 147 21.59 -8.38 0.68
CA THR B 147 20.97 -8.22 -0.64
C THR B 147 20.29 -6.88 -0.85
N GLY B 148 19.90 -6.23 0.24
CA GLY B 148 19.21 -4.95 0.17
C GLY B 148 17.75 -5.10 -0.19
N LYS B 149 17.21 -6.32 -0.13
CA LYS B 149 15.82 -6.54 -0.51
C LYS B 149 15.05 -7.38 0.47
N ALA B 150 13.72 -7.39 0.30
CA ALA B 150 12.83 -8.21 1.13
C ALA B 150 13.23 -9.66 1.00
N VAL B 151 13.24 -10.38 2.13
CA VAL B 151 13.49 -11.81 2.16
C VAL B 151 12.52 -12.56 3.05
N LEU B 152 12.30 -13.82 2.67
CA LEU B 152 11.42 -14.71 3.41
C LEU B 152 12.16 -15.86 4.02
N THR B 153 11.78 -16.23 5.23
CA THR B 153 12.19 -17.47 5.84
C THR B 153 11.50 -18.68 5.19
N SER B 154 12.04 -19.86 5.50
CA SER B 154 11.34 -21.12 5.32
C SER B 154 10.19 -21.15 6.34
N PRO B 155 9.24 -22.07 6.17
CA PRO B 155 8.15 -22.13 7.15
C PRO B 155 8.65 -22.66 8.48
N PHE B 156 8.19 -22.02 9.56
CA PHE B 156 8.46 -22.44 10.92
C PHE B 156 7.36 -21.95 11.86
N ARG B 157 7.40 -22.47 13.08
CA ARG B 157 6.36 -22.17 14.05
C ARG B 157 6.75 -20.90 14.77
N LEU B 158 5.86 -19.92 14.70
CA LEU B 158 6.10 -18.58 15.19
C LEU B 158 6.02 -18.60 16.70
N LEU B 159 6.63 -17.61 17.29
CA LEU B 159 6.65 -17.42 18.73
C LEU B 159 5.27 -17.27 19.30
N GLU B 160 5.09 -17.77 20.53
CA GLU B 160 3.86 -17.60 21.32
CA GLU B 160 3.89 -17.63 21.34
C GLU B 160 2.69 -18.43 20.83
N THR B 161 2.30 -18.19 19.59
CA THR B 161 1.15 -18.90 19.02
C THR B 161 1.50 -20.31 18.53
N HIS B 162 2.76 -20.49 18.09
CA HIS B 162 3.25 -21.73 17.48
C HIS B 162 2.56 -22.02 16.14
N HIS B 163 1.93 -21.00 15.56
CA HIS B 163 1.32 -21.12 14.25
C HIS B 163 2.39 -21.23 13.18
N LEU B 164 2.19 -22.10 12.21
CA LEU B 164 3.12 -22.27 11.12
C LEU B 164 3.04 -21.06 10.21
N GLY B 165 4.19 -20.45 9.97
CA GLY B 165 4.25 -19.22 9.22
C GLY B 165 5.61 -18.94 8.63
N VAL B 166 5.78 -17.73 8.11
CA VAL B 166 7.05 -17.25 7.59
C VAL B 166 7.27 -15.83 8.05
N VAL B 167 8.54 -15.44 8.17
CA VAL B 167 8.88 -14.06 8.50
C VAL B 167 9.43 -13.37 7.25
N LEU B 168 8.95 -12.15 7.05
CA LEU B 168 9.41 -11.27 6.01
C LEU B 168 10.29 -10.23 6.66
N THR B 169 11.51 -10.03 6.14
CA THR B 169 12.41 -9.04 6.72
C THR B 169 12.94 -8.09 5.65
N PHE B 170 12.99 -6.80 5.97
CA PHE B 170 13.55 -5.74 5.13
C PHE B 170 14.67 -5.10 5.85
N PRO B 171 15.77 -4.83 5.14
CA PRO B 171 16.81 -4.05 5.78
C PRO B 171 16.51 -2.55 5.79
N VAL B 172 16.96 -1.90 6.87
CA VAL B 172 17.02 -0.45 6.98
C VAL B 172 18.46 -0.02 7.09
N TYR B 173 18.88 0.90 6.21
CA TYR B 173 20.23 1.37 6.17
C TYR B 173 20.41 2.79 6.64
N LYS B 174 21.62 3.06 7.13
CA LYS B 174 22.04 4.41 7.47
C LYS B 174 22.24 5.18 6.15
N SER B 175 22.22 6.50 6.23
CA SER B 175 22.39 7.36 5.05
C SER B 175 23.81 7.34 4.49
N SER B 176 24.73 6.71 5.21
CA SER B 176 26.10 6.55 4.79
C SER B 176 26.28 5.44 3.73
N LEU B 177 25.22 4.65 3.47
CA LEU B 177 25.23 3.64 2.40
C LEU B 177 25.63 4.28 1.04
N PRO B 178 26.77 3.86 0.45
CA PRO B 178 27.14 4.38 -0.86
C PRO B 178 26.17 3.97 -1.96
N GLU B 179 26.21 4.65 -3.11
CA GLU B 179 25.39 4.20 -4.22
C GLU B 179 26.10 3.01 -4.87
N ASN B 180 25.31 2.12 -5.47
CA ASN B 180 25.81 0.84 -5.98
C ASN B 180 26.73 0.18 -4.97
N PRO B 181 26.20 -0.08 -3.78
CA PRO B 181 27.03 -0.58 -2.68
C PRO B 181 27.43 -2.05 -2.86
N THR B 182 28.58 -2.41 -2.34
CA THR B 182 28.98 -3.80 -2.25
C THR B 182 28.25 -4.39 -1.09
N VAL B 183 28.29 -5.72 -0.99
CA VAL B 183 27.72 -6.38 0.18
C VAL B 183 28.43 -5.92 1.47
N GLU B 184 29.76 -5.79 1.40
CA GLU B 184 30.52 -5.35 2.56
C GLU B 184 30.07 -3.97 3.01
N GLU B 185 29.83 -3.10 2.03
CA GLU B 185 29.28 -1.75 2.32
C GLU B 185 27.88 -1.81 2.90
N ARG B 186 27.04 -2.71 2.38
CA ARG B 186 25.69 -2.88 2.92
CA ARG B 186 25.69 -2.88 2.91
C ARG B 186 25.73 -3.27 4.38
N ILE B 187 26.56 -4.25 4.72
CA ILE B 187 26.68 -4.67 6.10
C ILE B 187 27.08 -3.50 7.00
N ALA B 188 28.09 -2.74 6.58
CA ALA B 188 28.63 -1.69 7.40
C ALA B 188 27.60 -0.60 7.60
N ALA B 189 26.72 -0.46 6.60
CA ALA B 189 25.73 0.62 6.64
C ALA B 189 24.41 0.19 7.25
N THR B 190 24.30 -1.07 7.70
CA THR B 190 23.01 -1.54 8.22
C THR B 190 22.63 -0.84 9.54
N ALA B 191 21.40 -0.31 9.61
CA ALA B 191 20.86 0.24 10.86
C ALA B 191 20.03 -0.77 11.63
N GLY B 192 19.28 -1.60 10.92
CA GLY B 192 18.33 -2.50 11.51
C GLY B 192 17.44 -3.14 10.49
N TYR B 193 16.35 -3.70 10.98
CA TYR B 193 15.56 -4.68 10.24
C TYR B 193 14.10 -4.50 10.57
N LEU B 194 13.26 -4.43 9.54
CA LEU B 194 11.83 -4.39 9.73
C LEU B 194 11.32 -5.77 9.40
N GLY B 195 10.67 -6.41 10.38
CA GLY B 195 10.19 -7.75 10.24
C GLY B 195 8.69 -7.87 10.40
N GLY B 196 8.09 -8.71 9.56
CA GLY B 196 6.64 -8.96 9.61
C GLY B 196 6.40 -10.46 9.69
N ALA B 197 5.59 -10.89 10.65
CA ALA B 197 5.24 -12.29 10.84
C ALA B 197 4.01 -12.60 10.01
N PHE B 198 4.18 -13.44 8.99
CA PHE B 198 3.04 -13.91 8.21
CA PHE B 198 3.08 -13.94 8.19
C PHE B 198 2.53 -15.17 8.91
N ASP B 199 1.39 -15.03 9.57
CA ASP B 199 0.75 -16.17 10.22
C ASP B 199 -0.07 -16.93 9.17
N VAL B 200 0.61 -17.88 8.54
CA VAL B 200 0.00 -18.62 7.43
C VAL B 200 -1.10 -19.51 7.94
N GLU B 201 -0.82 -20.24 9.02
CA GLU B 201 -1.74 -21.24 9.54
C GLU B 201 -3.12 -20.67 9.83
N SER B 202 -3.14 -19.51 10.48
CA SER B 202 -4.39 -18.85 10.82
C SER B 202 -4.92 -17.97 9.68
N LEU B 203 -4.09 -17.08 9.13
CA LEU B 203 -4.63 -16.04 8.24
C LEU B 203 -4.89 -16.53 6.80
N VAL B 204 -4.13 -17.51 6.32
CA VAL B 204 -4.48 -18.14 5.05
C VAL B 204 -5.67 -19.09 5.17
N GLU B 205 -5.84 -19.75 6.33
CA GLU B 205 -7.03 -20.52 6.57
C GLU B 205 -8.26 -19.59 6.57
N ASN B 206 -8.11 -18.39 7.12
CA ASN B 206 -9.21 -17.44 7.10
CA ASN B 206 -9.18 -17.36 7.10
C ASN B 206 -9.54 -17.02 5.66
N LEU B 207 -8.51 -16.74 4.88
CA LEU B 207 -8.68 -16.34 3.47
C LEU B 207 -9.36 -17.43 2.63
N LEU B 208 -8.86 -18.66 2.72
CA LEU B 208 -9.25 -19.72 1.80
C LEU B 208 -10.33 -20.63 2.36
N GLY B 209 -10.22 -20.88 3.65
CA GLY B 209 -10.92 -21.98 4.30
C GLY B 209 -12.42 -21.98 4.13
N GLN B 210 -13.03 -20.79 4.00
CA GLN B 210 -14.47 -20.65 3.95
C GLN B 210 -15.05 -20.45 2.54
N LEU B 211 -14.21 -20.19 1.55
CA LEU B 211 -14.65 -19.94 0.17
C LEU B 211 -15.56 -21.07 -0.30
N ALA B 212 -16.54 -20.74 -1.14
CA ALA B 212 -17.37 -21.78 -1.72
C ALA B 212 -16.56 -22.91 -2.36
N GLY B 213 -17.01 -24.14 -2.13
CA GLY B 213 -16.34 -25.31 -2.67
C GLY B 213 -15.14 -25.77 -1.86
N ASN B 214 -14.88 -25.10 -0.74
CA ASN B 214 -13.67 -25.42 0.05
C ASN B 214 -13.71 -26.87 0.54
N GLN B 215 -14.91 -27.39 0.82
CA GLN B 215 -15.05 -28.78 1.28
C GLN B 215 -14.76 -29.82 0.21
N ALA B 216 -14.81 -29.42 -1.07
CA ALA B 216 -14.61 -30.36 -2.16
C ALA B 216 -13.12 -30.59 -2.47
N ILE B 217 -12.28 -29.62 -2.13
CA ILE B 217 -10.84 -29.73 -2.45
C ILE B 217 -9.86 -29.64 -1.27
N VAL B 218 -8.69 -30.25 -1.50
CA VAL B 218 -7.55 -30.26 -0.59
C VAL B 218 -6.55 -29.27 -1.16
N VAL B 219 -6.17 -28.26 -0.38
CA VAL B 219 -5.24 -27.23 -0.83
C VAL B 219 -3.96 -27.29 -0.02
N HIS B 220 -2.81 -27.30 -0.72
CA HIS B 220 -1.52 -27.18 -0.04
C HIS B 220 -0.72 -26.06 -0.66
N VAL B 221 0.09 -25.39 0.16
CA VAL B 221 1.12 -24.49 -0.33
C VAL B 221 2.44 -25.05 0.17
N TYR B 222 3.41 -25.16 -0.73
CA TYR B 222 4.77 -25.63 -0.39
C TYR B 222 5.83 -24.62 -0.72
N ASP B 223 6.86 -24.59 0.16
CA ASP B 223 8.13 -23.97 -0.13
C ASP B 223 8.94 -25.04 -0.85
N ILE B 224 9.25 -24.79 -2.12
CA ILE B 224 9.98 -25.77 -2.96
C ILE B 224 11.34 -25.21 -3.31
N THR B 225 11.87 -24.40 -2.42
CA THR B 225 13.22 -23.87 -2.61
C THR B 225 14.23 -24.99 -2.91
N ASN B 226 14.13 -26.08 -2.16
CA ASN B 226 14.90 -27.31 -2.41
C ASN B 226 13.92 -28.33 -2.98
N ALA B 227 13.99 -28.55 -4.29
CA ALA B 227 13.01 -29.40 -5.00
C ALA B 227 12.88 -30.80 -4.41
N SER B 228 13.97 -31.35 -3.90
CA SER B 228 13.97 -32.68 -3.24
C SER B 228 13.58 -32.66 -1.74
N ASP B 229 13.25 -31.49 -1.20
CA ASP B 229 12.82 -31.36 0.20
C ASP B 229 11.77 -30.24 0.29
N PRO B 230 10.60 -30.47 -0.30
CA PRO B 230 9.50 -29.54 -0.22
C PRO B 230 9.05 -29.40 1.23
N LEU B 231 8.75 -28.17 1.65
CA LEU B 231 8.34 -27.91 3.02
C LEU B 231 6.94 -27.37 2.97
N VAL B 232 6.07 -27.95 3.80
CA VAL B 232 4.71 -27.48 3.86
C VAL B 232 4.67 -26.08 4.49
N MET B 233 4.02 -25.15 3.79
CA MET B 233 3.79 -23.80 4.28
C MET B 233 2.34 -23.69 4.75
N TYR B 234 1.42 -24.35 4.04
CA TYR B 234 -0.01 -24.41 4.36
C TYR B 234 -0.60 -25.79 3.97
N GLY B 235 -1.41 -26.36 4.85
CA GLY B 235 -2.14 -27.63 4.60
C GLY B 235 -1.64 -28.78 5.48
N ASN B 236 -2.15 -30.00 5.27
CA ASN B 236 -1.78 -31.20 6.06
C ASN B 236 -0.44 -31.87 5.66
N GLN B 237 -0.14 -33.03 6.26
CA GLN B 237 1.18 -33.66 6.07
C GLN B 237 1.20 -34.87 5.12
N ASP B 238 0.21 -34.97 4.23
CA ASP B 238 0.05 -36.18 3.40
C ASP B 238 1.12 -36.30 2.32
N GLU B 239 1.87 -37.41 2.34
CA GLU B 239 3.02 -37.63 1.45
C GLU B 239 2.95 -39.02 0.80
N SER B 244 -4.13 -38.80 -7.32
CA SER B 244 -3.88 -38.75 -8.75
C SER B 244 -4.10 -37.33 -9.31
N LEU B 245 -5.38 -36.97 -9.47
CA LEU B 245 -5.79 -35.74 -10.13
C LEU B 245 -5.41 -34.52 -9.30
N SER B 246 -4.43 -33.78 -9.78
CA SER B 246 -3.97 -32.59 -9.06
C SER B 246 -3.71 -31.47 -10.04
N HIS B 247 -3.64 -30.27 -9.50
CA HIS B 247 -3.26 -29.14 -10.30
C HIS B 247 -2.27 -28.32 -9.50
N GLU B 248 -1.21 -27.90 -10.17
CA GLU B 248 -0.24 -27.00 -9.60
CA GLU B 248 -0.25 -26.99 -9.59
C GLU B 248 -0.59 -25.59 -10.06
N SER B 249 -0.77 -24.67 -9.13
CA SER B 249 -0.99 -23.28 -9.49
C SER B 249 0.23 -22.50 -9.01
N LYS B 250 0.62 -21.52 -9.82
CA LYS B 250 1.82 -20.71 -9.59
C LYS B 250 1.64 -19.70 -8.45
N LEU B 251 2.69 -19.56 -7.63
CA LEU B 251 2.82 -18.51 -6.64
C LEU B 251 4.19 -17.89 -6.78
N ASP B 252 4.29 -16.60 -6.54
CA ASP B 252 5.56 -15.90 -6.51
C ASP B 252 5.43 -14.92 -5.35
N PHE B 253 6.18 -15.18 -4.28
CA PHE B 253 6.09 -14.34 -3.09
C PHE B 253 7.20 -13.27 -3.05
N GLY B 254 8.00 -13.20 -4.11
CA GLY B 254 8.86 -12.03 -4.34
C GLY B 254 10.32 -12.16 -3.93
N ASP B 255 10.67 -13.24 -3.22
CA ASP B 255 12.07 -13.49 -2.81
C ASP B 255 12.72 -14.48 -3.73
N PRO B 256 13.60 -14.01 -4.62
CA PRO B 256 14.26 -14.89 -5.59
C PRO B 256 15.03 -16.09 -4.99
N PHE B 257 15.36 -16.01 -3.69
CA PHE B 257 16.05 -17.08 -2.99
C PHE B 257 15.11 -18.26 -2.74
N ARG B 258 13.79 -18.02 -2.77
CA ARG B 258 12.81 -19.04 -2.43
C ARG B 258 11.82 -19.26 -3.59
N LYS B 259 11.26 -20.47 -3.63
CA LYS B 259 10.23 -20.83 -4.61
C LYS B 259 9.06 -21.45 -3.89
N HIS B 260 7.84 -21.20 -4.40
CA HIS B 260 6.64 -21.71 -3.77
C HIS B 260 5.67 -22.16 -4.86
N LYS B 261 4.74 -23.03 -4.45
CA LYS B 261 3.67 -23.50 -5.35
C LYS B 261 2.42 -23.86 -4.55
N MET B 262 1.25 -23.73 -5.19
CA MET B 262 0.01 -24.24 -4.64
C MET B 262 -0.35 -25.52 -5.39
N ILE B 263 -0.75 -26.54 -4.65
CA ILE B 263 -1.28 -27.78 -5.18
C ILE B 263 -2.70 -27.98 -4.66
N CYS B 264 -3.65 -28.21 -5.57
CA CYS B 264 -4.99 -28.57 -5.17
C CYS B 264 -5.36 -29.92 -5.79
N ARG B 265 -6.19 -30.65 -5.04
CA ARG B 265 -6.64 -31.98 -5.37
CA ARG B 265 -6.64 -31.98 -5.41
C ARG B 265 -8.10 -32.11 -4.96
N TYR B 266 -8.82 -33.05 -5.56
CA TYR B 266 -10.14 -33.45 -5.04
C TYR B 266 -9.96 -34.49 -3.94
N HIS B 267 -10.97 -34.69 -3.09
CA HIS B 267 -10.90 -35.67 -1.99
C HIS B 267 -10.94 -37.11 -2.50
N GLN B 268 -11.98 -37.42 -3.26
CA GLN B 268 -12.23 -38.78 -3.76
CA GLN B 268 -12.16 -38.79 -3.75
C GLN B 268 -11.88 -38.88 -5.24
#